data_1R7W
#
_entry.id   1R7W
#
_entity_poly.entity_id   1
_entity_poly.type   'polyribonucleotide'
_entity_poly.pdbx_seq_one_letter_code
;GGAGGACAUCCCUCACGGGUGACCGUGGUCCUCC
;
_entity_poly.pdbx_strand_id   A
#